data_6JB9
#
_entry.id   6JB9
#
_cell.length_a   26.190
_cell.length_b   53.360
_cell.length_c   36.210
_cell.angle_alpha   90.00
_cell.angle_beta   91.52
_cell.angle_gamma   90.00
#
_symmetry.space_group_name_H-M   'P 1 21 1'
#
loop_
_entity.id
_entity.type
_entity.pdbx_description
1 polymer 'Nanobody D3-L11'
2 non-polymer 'SULFATE ION'
3 water water
#
_entity_poly.entity_id   1
_entity_poly.type   'polypeptide(L)'
_entity_poly.pdbx_seq_one_letter_code
;SDVQLVESGGGSVQAGGSLRLSCAASGSTDSIEYMTWFRQAPGKAREGVAALYTHTGNTYYTDSVKGRFTISQDKAKNMA
YLRMDSVKSEDTAIYTCGATRKYVPVRFALDQSSYDYWGQGTQVTVSS
;
_entity_poly.pdbx_strand_id   A
#
# COMPACT_ATOMS: atom_id res chain seq x y z
N SER A 1 11.88 16.98 3.33
CA SER A 1 12.03 15.50 3.16
C SER A 1 12.70 15.24 1.83
N ASP A 2 13.41 14.14 1.69
CA ASP A 2 14.06 13.81 0.44
C ASP A 2 13.24 12.91 -0.48
N VAL A 3 12.15 12.33 0.00
CA VAL A 3 11.14 11.64 -0.80
C VAL A 3 9.79 12.15 -0.34
N GLN A 4 8.90 12.34 -1.32
CA GLN A 4 7.49 12.63 -1.05
C GLN A 4 6.61 11.63 -1.76
N LEU A 5 5.54 11.21 -1.11
CA LEU A 5 4.60 10.23 -1.65
C LEU A 5 3.23 10.87 -1.70
N VAL A 6 2.54 10.75 -2.83
CA VAL A 6 1.16 11.28 -3.00
C VAL A 6 0.29 10.19 -3.53
N GLU A 7 -0.76 9.85 -2.82
CA GLU A 7 -1.73 8.84 -3.21
C GLU A 7 -2.82 9.43 -4.07
N SER A 8 -3.34 8.61 -4.96
CA SER A 8 -4.61 8.93 -5.61
CA SER A 8 -4.51 8.88 -5.82
C SER A 8 -5.45 7.66 -5.73
N GLY A 9 -6.72 7.87 -6.01
CA GLY A 9 -7.68 6.81 -6.11
C GLY A 9 -8.37 6.60 -4.78
N GLY A 10 -9.12 5.55 -4.70
CA GLY A 10 -9.85 5.22 -3.45
C GLY A 10 -11.33 5.45 -3.59
N GLY A 11 -11.99 5.49 -2.47
CA GLY A 11 -13.43 5.72 -2.39
C GLY A 11 -14.21 4.44 -2.23
N SER A 12 -15.43 4.48 -2.74
CA SER A 12 -16.39 3.37 -2.56
CA SER A 12 -16.40 3.38 -2.57
C SER A 12 -16.21 2.31 -3.64
N VAL A 13 -16.52 1.11 -3.26
CA VAL A 13 -16.46 -0.06 -4.15
C VAL A 13 -17.43 -1.10 -3.60
N GLN A 14 -18.05 -1.86 -4.50
CA GLN A 14 -18.91 -2.99 -4.10
C GLN A 14 -18.06 -4.19 -3.75
N ALA A 15 -18.52 -4.97 -2.77
CA ALA A 15 -17.96 -6.27 -2.43
C ALA A 15 -17.80 -7.08 -3.68
N GLY A 16 -16.66 -7.72 -3.82
CA GLY A 16 -16.30 -8.53 -4.98
C GLY A 16 -15.70 -7.73 -6.10
N GLY A 17 -15.80 -6.41 -6.02
CA GLY A 17 -15.29 -5.50 -7.04
C GLY A 17 -13.83 -5.18 -6.84
N SER A 18 -13.39 -4.23 -7.64
CA SER A 18 -11.99 -3.87 -7.78
C SER A 18 -11.82 -2.37 -7.77
N LEU A 19 -10.75 -1.94 -7.15
CA LEU A 19 -10.30 -0.55 -7.25
CA LEU A 19 -10.26 -0.52 -7.18
C LEU A 19 -8.77 -0.58 -7.29
N ARG A 20 -8.17 0.41 -7.93
CA ARG A 20 -6.69 0.52 -7.93
C ARG A 20 -6.33 1.81 -7.19
N LEU A 21 -5.49 1.66 -6.19
CA LEU A 21 -4.87 2.81 -5.51
C LEU A 21 -3.52 3.08 -6.17
N SER A 22 -3.14 4.34 -6.23
CA SER A 22 -1.88 4.73 -6.80
C SER A 22 -1.08 5.53 -5.82
N CYS A 23 0.24 5.48 -5.95
CA CYS A 23 1.16 6.34 -5.15
C CYS A 23 2.30 6.79 -6.05
N ALA A 24 2.41 8.09 -6.17
CA ALA A 24 3.48 8.74 -6.95
C ALA A 24 4.57 9.17 -6.00
N ALA A 25 5.79 8.73 -6.26
CA ALA A 25 6.95 9.13 -5.49
C ALA A 25 7.72 10.22 -6.22
N SER A 26 8.19 11.18 -5.43
CA SER A 26 8.98 12.30 -5.90
C SER A 26 10.23 12.41 -5.03
N GLY A 27 11.21 13.13 -5.56
CA GLY A 27 12.46 13.39 -4.85
C GLY A 27 13.53 12.39 -5.20
N SER A 28 14.15 11.81 -4.18
CA SER A 28 15.30 10.87 -4.33
C SER A 28 14.78 9.45 -4.56
N THR A 29 14.19 9.28 -5.73
CA THR A 29 13.47 8.03 -6.02
C THR A 29 14.36 6.88 -6.44
N ASP A 30 15.56 7.14 -6.99
CA ASP A 30 16.39 6.01 -7.41
C ASP A 30 16.81 5.15 -6.24
N SER A 31 16.88 5.71 -5.08
CA SER A 31 17.35 5.05 -3.87
C SER A 31 16.21 4.31 -3.12
N ILE A 32 14.96 4.39 -3.58
CA ILE A 32 13.85 3.70 -2.91
C ILE A 32 14.03 2.20 -3.10
N GLU A 33 13.99 1.49 -1.96
CA GLU A 33 14.17 0.05 -1.92
C GLU A 33 12.86 -0.74 -1.85
N TYR A 34 11.91 -0.26 -1.07
CA TYR A 34 10.56 -0.86 -1.00
C TYR A 34 9.53 0.25 -1.11
N MET A 35 8.45 -0.09 -1.80
CA MET A 35 7.16 0.65 -1.79
CA MET A 35 7.18 0.67 -1.70
C MET A 35 6.13 -0.32 -1.21
N THR A 36 5.43 0.08 -0.17
CA THR A 36 4.59 -0.88 0.59
C THR A 36 3.34 -0.19 1.05
N TRP A 37 2.22 -0.82 0.81
CA TRP A 37 0.92 -0.31 1.28
CA TRP A 37 0.93 -0.33 1.32
C TRP A 37 0.66 -0.88 2.69
N PHE A 38 0.23 0.04 3.53
CA PHE A 38 -0.30 -0.20 4.87
C PHE A 38 -1.77 0.16 4.89
N ARG A 39 -2.49 -0.32 5.90
CA ARG A 39 -3.84 0.17 6.13
C ARG A 39 -4.13 0.20 7.60
N GLN A 40 -5.19 0.97 7.96
N GLN A 40 -5.21 0.93 7.95
CA GLN A 40 -5.68 0.97 9.34
CA GLN A 40 -5.64 1.02 9.34
C GLN A 40 -7.21 0.88 9.30
C GLN A 40 -7.14 1.19 9.32
N ALA A 41 -7.71 -0.35 9.49
N ALA A 41 -7.79 0.28 9.96
CA ALA A 41 -9.16 -0.66 9.46
CA ALA A 41 -9.19 0.56 10.26
C ALA A 41 -9.82 -0.08 10.71
C ALA A 41 -9.22 1.42 11.51
N PRO A 42 -11.16 0.11 10.70
N PRO A 42 -10.18 2.37 11.64
CA PRO A 42 -11.82 0.82 11.79
CA PRO A 42 -10.20 3.28 12.78
C PRO A 42 -11.57 0.13 13.12
C PRO A 42 -10.40 2.47 14.07
N GLY A 43 -11.04 0.91 14.06
N GLY A 43 -9.46 2.63 14.98
CA GLY A 43 -10.74 0.45 15.42
CA GLY A 43 -9.51 1.95 16.27
C GLY A 43 -9.59 -0.54 15.50
C GLY A 43 -8.61 0.74 16.33
N LYS A 44 -8.78 -0.70 14.45
N LYS A 44 -7.99 0.34 15.24
CA LYS A 44 -7.56 -1.60 14.41
CA LYS A 44 -7.24 -0.89 15.19
C LYS A 44 -6.22 -0.79 14.46
C LYS A 44 -5.92 -0.49 14.69
N ALA A 45 -5.06 -1.43 14.79
CA ALA A 45 -3.71 -0.99 14.50
C ALA A 45 -3.44 -0.92 13.00
N ARG A 46 -2.55 -0.03 12.66
CA ARG A 46 -2.00 -0.04 11.31
C ARG A 46 -1.31 -1.39 11.06
N GLU A 47 -1.45 -1.90 9.82
CA GLU A 47 -0.82 -3.16 9.41
C GLU A 47 -0.27 -3.01 8.03
N GLY A 48 0.86 -3.67 7.81
CA GLY A 48 1.38 -3.82 6.45
C GLY A 48 0.51 -4.77 5.63
N VAL A 49 0.19 -4.37 4.42
CA VAL A 49 -0.69 -5.16 3.55
C VAL A 49 0.06 -5.83 2.41
N ALA A 50 0.88 -5.03 1.69
CA ALA A 50 1.52 -5.51 0.47
C ALA A 50 2.79 -4.73 0.28
N ALA A 51 3.92 -5.45 0.21
CA ALA A 51 5.25 -4.85 0.03
C ALA A 51 5.82 -5.30 -1.30
N LEU A 52 6.54 -4.35 -1.94
CA LEU A 52 7.22 -4.60 -3.21
C LEU A 52 8.66 -4.16 -3.08
N TYR A 53 9.57 -5.07 -3.43
CA TYR A 53 11.02 -4.79 -3.49
C TYR A 53 11.32 -4.25 -4.88
N THR A 54 11.76 -2.99 -4.93
CA THR A 54 11.90 -2.28 -6.19
C THR A 54 12.91 -2.91 -7.15
N HIS A 55 13.95 -3.50 -6.63
CA HIS A 55 15.03 -3.99 -7.51
CA HIS A 55 15.04 -3.98 -7.52
C HIS A 55 14.51 -5.16 -8.37
N THR A 56 13.64 -6.01 -7.85
CA THR A 56 13.21 -7.23 -8.52
C THR A 56 11.73 -7.29 -8.83
N GLY A 57 10.91 -6.47 -8.19
CA GLY A 57 9.46 -6.60 -8.30
C GLY A 57 8.86 -7.69 -7.46
N ASN A 58 9.62 -8.36 -6.65
CA ASN A 58 9.05 -9.41 -5.78
C ASN A 58 8.11 -8.76 -4.76
N THR A 59 7.09 -9.53 -4.39
CA THR A 59 6.02 -9.00 -3.56
C THR A 59 5.70 -9.94 -2.42
N TYR A 60 5.21 -9.32 -1.35
CA TYR A 60 4.95 -9.98 -0.06
C TYR A 60 3.67 -9.41 0.51
N TYR A 61 2.74 -10.26 0.90
CA TYR A 61 1.40 -9.85 1.33
C TYR A 61 1.09 -10.35 2.71
N THR A 62 0.29 -9.58 3.44
CA THR A 62 -0.33 -10.11 4.67
C THR A 62 -1.35 -11.19 4.29
N ASP A 63 -1.52 -12.16 5.18
CA ASP A 63 -2.32 -13.33 4.83
C ASP A 63 -3.72 -12.96 4.37
N SER A 64 -4.36 -12.00 5.01
CA SER A 64 -5.77 -11.74 4.77
C SER A 64 -6.06 -11.24 3.36
N VAL A 65 -5.06 -10.71 2.64
CA VAL A 65 -5.26 -10.19 1.29
C VAL A 65 -4.68 -11.09 0.23
N LYS A 66 -4.05 -12.19 0.62
CA LYS A 66 -3.41 -13.08 -0.36
C LYS A 66 -4.45 -13.58 -1.33
N GLY A 67 -4.07 -13.56 -2.60
CA GLY A 67 -4.97 -14.00 -3.65
C GLY A 67 -5.99 -12.99 -4.08
N ARG A 68 -6.00 -11.83 -3.43
CA ARG A 68 -7.01 -10.78 -3.72
C ARG A 68 -6.29 -9.51 -4.17
N PHE A 69 -5.32 -9.03 -3.46
CA PHE A 69 -4.64 -7.78 -3.82
C PHE A 69 -3.36 -8.09 -4.58
N THR A 70 -2.98 -7.17 -5.48
CA THR A 70 -1.68 -7.21 -6.17
C THR A 70 -1.02 -5.84 -6.05
N ILE A 71 0.21 -5.80 -5.56
CA ILE A 71 1.01 -4.56 -5.61
C ILE A 71 1.93 -4.64 -6.81
N SER A 72 2.10 -3.51 -7.48
CA SER A 72 2.99 -3.41 -8.66
C SER A 72 3.69 -2.03 -8.64
N GLN A 73 4.70 -1.89 -9.51
CA GLN A 73 5.45 -0.62 -9.63
C GLN A 73 5.62 -0.29 -11.12
N ASP A 74 5.81 1.01 -11.39
CA ASP A 74 6.26 1.54 -12.67
C ASP A 74 7.49 2.34 -12.34
N LYS A 75 8.69 1.76 -12.47
CA LYS A 75 9.95 2.44 -12.06
C LYS A 75 10.13 3.72 -12.83
N ALA A 76 9.90 3.71 -14.12
CA ALA A 76 10.20 4.88 -14.95
C ALA A 76 9.37 6.07 -14.51
N LYS A 77 8.14 5.80 -14.05
CA LYS A 77 7.23 6.89 -13.68
C LYS A 77 7.13 7.06 -12.18
N ASN A 78 7.96 6.31 -11.44
CA ASN A 78 8.03 6.37 -9.98
C ASN A 78 6.64 6.19 -9.36
N MET A 79 5.95 5.16 -9.79
CA MET A 79 4.62 4.80 -9.29
C MET A 79 4.64 3.46 -8.59
N ALA A 80 3.78 3.34 -7.57
CA ALA A 80 3.34 2.06 -7.02
C ALA A 80 1.85 2.01 -7.09
N TYR A 81 1.31 0.81 -7.22
CA TYR A 81 -0.14 0.60 -7.31
C TYR A 81 -0.55 -0.51 -6.38
N LEU A 82 -1.75 -0.38 -5.84
CA LEU A 82 -2.39 -1.50 -5.11
C LEU A 82 -3.67 -1.82 -5.86
N ARG A 83 -3.66 -2.93 -6.56
CA ARG A 83 -4.87 -3.47 -7.21
C ARG A 83 -5.65 -4.21 -6.12
N MET A 84 -6.75 -3.65 -5.71
CA MET A 84 -7.62 -4.25 -4.70
C MET A 84 -8.69 -5.00 -5.46
N ASP A 85 -8.39 -6.22 -5.87
CA ASP A 85 -9.38 -7.06 -6.52
C ASP A 85 -10.12 -7.91 -5.44
N SER A 86 -11.28 -8.40 -5.76
CA SER A 86 -11.97 -9.33 -4.90
C SER A 86 -12.16 -8.67 -3.53
N VAL A 87 -12.57 -7.40 -3.45
CA VAL A 87 -12.64 -6.68 -2.17
C VAL A 87 -13.71 -7.27 -1.28
N LYS A 88 -13.49 -7.12 0.02
CA LYS A 88 -14.35 -7.65 1.08
C LYS A 88 -14.58 -6.55 2.08
N SER A 89 -15.60 -6.73 2.93
CA SER A 89 -15.92 -5.74 3.99
CA SER A 89 -15.93 -5.73 3.99
C SER A 89 -14.74 -5.44 4.89
N GLU A 90 -13.93 -6.47 5.20
CA GLU A 90 -12.76 -6.31 6.07
C GLU A 90 -11.76 -5.35 5.48
N ASP A 91 -11.87 -5.02 4.17
CA ASP A 91 -10.93 -4.13 3.52
C ASP A 91 -11.24 -2.67 3.71
N THR A 92 -12.39 -2.31 4.21
CA THR A 92 -12.68 -0.90 4.49
C THR A 92 -11.65 -0.39 5.49
N ALA A 93 -10.95 0.69 5.15
CA ALA A 93 -9.82 1.17 5.94
C ALA A 93 -9.26 2.43 5.29
N ILE A 94 -8.41 3.10 6.06
CA ILE A 94 -7.47 4.09 5.51
C ILE A 94 -6.25 3.37 5.00
N TYR A 95 -5.92 3.51 3.73
CA TYR A 95 -4.73 2.93 3.10
C TYR A 95 -3.67 4.01 2.98
N THR A 96 -2.45 3.67 3.35
CA THR A 96 -1.34 4.65 3.31
C THR A 96 -0.14 3.94 2.71
N CYS A 97 0.43 4.52 1.65
CA CYS A 97 1.66 3.97 1.09
C CYS A 97 2.86 4.48 1.85
N GLY A 98 3.82 3.56 2.08
CA GLY A 98 5.11 3.91 2.68
C GLY A 98 6.23 3.59 1.73
N ALA A 99 7.37 4.22 1.96
CA ALA A 99 8.58 3.94 1.21
C ALA A 99 9.79 4.01 2.14
N THR A 100 10.85 3.34 1.74
CA THR A 100 12.13 3.42 2.39
C THR A 100 13.22 3.43 1.36
N ARG A 101 14.31 4.12 1.71
CA ARG A 101 15.55 4.15 0.94
C ARG A 101 16.61 3.29 1.63
N LYS A 102 16.24 2.54 2.65
CA LYS A 102 17.18 1.71 3.40
C LYS A 102 16.72 0.26 3.27
N TYR A 103 17.48 -0.54 2.56
CA TYR A 103 17.16 -1.96 2.40
C TYR A 103 17.03 -2.60 3.78
N VAL A 104 16.02 -3.44 3.91
CA VAL A 104 15.91 -4.37 5.01
C VAL A 104 15.57 -5.73 4.44
N PRO A 105 15.89 -6.76 5.24
CA PRO A 105 15.52 -8.12 4.86
C PRO A 105 14.00 -8.27 4.76
N VAL A 106 13.61 -9.26 3.94
CA VAL A 106 12.19 -9.49 3.63
C VAL A 106 11.37 -9.67 4.88
N ARG A 107 11.92 -10.32 5.90
CA ARG A 107 11.09 -10.55 7.08
C ARG A 107 10.63 -9.27 7.75
N PHE A 108 11.24 -8.12 7.42
CA PHE A 108 10.83 -6.84 7.99
C PHE A 108 10.01 -5.99 7.00
N ALA A 109 9.73 -6.53 5.81
CA ALA A 109 9.14 -5.72 4.74
C ALA A 109 7.73 -5.23 5.06
N LEU A 110 7.00 -5.92 5.91
CA LEU A 110 5.62 -5.51 6.28
C LEU A 110 5.57 -4.80 7.61
N ASP A 111 6.72 -4.49 8.20
CA ASP A 111 6.77 -3.80 9.49
C ASP A 111 6.76 -2.29 9.28
N GLN A 112 5.97 -1.61 10.08
CA GLN A 112 5.91 -0.16 10.04
C GLN A 112 7.28 0.48 10.21
N SER A 113 8.09 -0.09 11.08
CA SER A 113 9.41 0.48 11.42
C SER A 113 10.35 0.54 10.24
N SER A 114 10.08 -0.20 9.20
CA SER A 114 10.97 -0.26 8.02
C SER A 114 10.76 0.95 7.12
N TYR A 115 9.78 1.82 7.37
CA TYR A 115 9.41 2.85 6.41
C TYR A 115 9.59 4.23 7.01
N ASP A 116 10.08 5.13 6.16
CA ASP A 116 10.47 6.48 6.53
C ASP A 116 9.61 7.56 5.90
N TYR A 117 8.93 7.26 4.85
CA TYR A 117 8.18 8.22 4.06
C TYR A 117 6.79 7.68 3.88
N TRP A 118 5.80 8.57 3.94
CA TRP A 118 4.39 8.18 4.00
C TRP A 118 3.54 9.05 3.10
N GLY A 119 2.61 8.44 2.41
CA GLY A 119 1.55 9.17 1.72
C GLY A 119 0.55 9.74 2.71
N GLN A 120 -0.51 10.34 2.16
CA GLN A 120 -1.43 11.08 2.99
C GLN A 120 -2.54 10.25 3.65
N GLY A 121 -2.77 9.04 3.22
CA GLY A 121 -3.89 8.20 3.72
C GLY A 121 -5.09 8.39 2.86
N THR A 122 -5.66 7.29 2.42
CA THR A 122 -6.79 7.28 1.47
C THR A 122 -7.84 6.32 1.98
N GLN A 123 -9.05 6.80 2.17
CA GLN A 123 -10.17 5.95 2.54
C GLN A 123 -10.63 5.09 1.38
N VAL A 124 -10.85 3.83 1.67
CA VAL A 124 -11.57 2.89 0.79
C VAL A 124 -12.73 2.35 1.62
N THR A 125 -13.91 2.35 1.04
CA THR A 125 -15.15 1.92 1.73
C THR A 125 -15.84 0.87 0.88
N VAL A 126 -15.91 -0.33 1.41
CA VAL A 126 -16.56 -1.44 0.70
C VAL A 126 -18.02 -1.51 1.12
N SER A 127 -18.93 -1.64 0.13
CA SER A 127 -20.36 -1.97 0.34
C SER A 127 -20.66 -3.46 0.03
N SER A 128 -21.43 -4.18 0.86
CA SER A 128 -21.77 -5.63 0.69
C SER A 128 -22.61 -5.95 -0.56
#